data_1G1Z
#
_entry.id   1G1Z
#
_cell.length_a   1.000
_cell.length_b   1.000
_cell.length_c   1.000
_cell.angle_alpha   90.00
_cell.angle_beta   90.00
_cell.angle_gamma   90.00
#
_symmetry.space_group_name_H-M   'P 1'
#
_entity_poly.entity_id   1
_entity_poly.type   'polypeptide(L)'
_entity_poly.pdbx_seq_one_letter_code
;DDCIK(HYP)YGFCSLPILKNGLCCSGACVGVCADL(NH2)
;
_entity_poly.pdbx_strand_id   A
#
# COMPACT_ATOMS: atom_id res chain seq x y z
N ASP A 1 -10.93 6.88 2.38
CA ASP A 1 -9.82 6.58 1.43
C ASP A 1 -8.66 7.32 2.04
N ASP A 2 -7.42 6.87 1.78
CA ASP A 2 -6.22 7.47 2.29
C ASP A 2 -5.25 6.63 1.50
N CYS A 3 -3.93 6.73 1.79
CA CYS A 3 -2.95 5.86 1.21
C CYS A 3 -2.58 4.92 2.31
N ILE A 4 -1.78 3.90 1.97
CA ILE A 4 -1.27 2.96 2.93
C ILE A 4 0.17 3.37 3.16
N LYS A 5 0.67 3.11 4.38
CA LYS A 5 1.86 3.69 4.96
C LYS A 5 3.06 2.91 4.47
N TYR A 7 6.08 0.56 4.48
CA TYR A 7 6.43 -0.48 5.41
C TYR A 7 5.32 -0.76 6.40
N GLY A 8 4.07 -0.42 6.02
CA GLY A 8 2.87 -0.90 6.65
C GLY A 8 2.35 -1.95 5.72
N PHE A 9 1.30 -2.69 6.14
CA PHE A 9 0.76 -3.78 5.34
C PHE A 9 -0.31 -3.21 4.46
N CYS A 10 -0.36 -3.70 3.21
CA CYS A 10 -1.39 -3.40 2.25
C CYS A 10 -2.10 -4.71 2.13
N SER A 11 -2.23 -5.29 0.92
CA SER A 11 -2.79 -6.60 0.81
C SER A 11 -2.18 -7.12 -0.46
N LEU A 12 -2.79 -8.15 -1.07
CA LEU A 12 -2.40 -8.75 -2.31
C LEU A 12 -3.76 -9.16 -2.78
N PRO A 13 -4.06 -9.52 -4.02
CA PRO A 13 -3.18 -9.49 -5.19
C PRO A 13 -2.81 -8.06 -5.50
N ILE A 14 -1.57 -7.80 -5.98
CA ILE A 14 -1.15 -6.47 -6.28
C ILE A 14 -1.11 -6.38 -7.77
N LEU A 15 -2.07 -5.62 -8.33
CA LEU A 15 -2.01 -5.14 -9.67
C LEU A 15 -2.50 -3.75 -9.45
N LYS A 16 -3.76 -3.68 -9.01
CA LYS A 16 -4.34 -2.54 -8.37
C LYS A 16 -4.49 -3.19 -7.03
N ASN A 17 -4.37 -2.43 -5.94
CA ASN A 17 -4.56 -2.93 -4.61
C ASN A 17 -4.78 -1.62 -3.93
N GLY A 18 -4.72 -1.59 -2.58
CA GLY A 18 -4.79 -0.39 -1.80
C GLY A 18 -3.46 0.28 -1.96
N LEU A 19 -3.46 1.58 -2.27
CA LEU A 19 -2.33 2.23 -2.86
C LEU A 19 -1.47 2.70 -1.74
N CYS A 20 -0.15 2.45 -1.84
CA CYS A 20 0.78 2.87 -0.82
C CYS A 20 1.26 4.24 -1.21
N CYS A 21 1.63 5.08 -0.21
CA CYS A 21 2.08 6.44 -0.50
C CYS A 21 3.42 6.44 -1.21
N SER A 22 4.25 5.42 -0.97
CA SER A 22 5.52 5.25 -1.66
C SER A 22 5.32 4.42 -2.91
N GLY A 23 4.06 4.07 -3.24
CA GLY A 23 3.75 3.50 -4.53
C GLY A 23 3.68 2.01 -4.46
N ALA A 24 4.78 1.36 -4.05
CA ALA A 24 4.88 -0.08 -4.20
C ALA A 24 4.19 -0.75 -3.05
N CYS A 25 3.52 -1.88 -3.33
CA CYS A 25 2.77 -2.66 -2.40
C CYS A 25 3.24 -3.99 -2.88
N VAL A 26 3.50 -4.94 -1.96
CA VAL A 26 3.76 -6.31 -2.25
C VAL A 26 3.49 -6.95 -0.92
N GLY A 27 2.24 -6.82 -0.42
CA GLY A 27 1.84 -7.35 0.87
C GLY A 27 2.14 -6.31 1.90
N VAL A 28 3.42 -5.90 1.98
CA VAL A 28 3.84 -4.73 2.71
C VAL A 28 3.96 -3.66 1.67
N CYS A 29 3.91 -2.39 2.10
CA CYS A 29 4.16 -1.26 1.25
C CYS A 29 5.62 -1.05 1.27
N ALA A 30 6.22 -0.65 0.14
CA ALA A 30 7.64 -0.48 0.05
C ALA A 30 7.81 0.60 -0.96
N ASP A 31 8.97 0.62 -1.63
CA ASP A 31 9.25 1.47 -2.73
C ASP A 31 9.93 0.44 -3.57
N LEU A 32 10.05 0.70 -4.88
CA LEU A 32 10.75 -0.14 -5.80
C LEU A 32 11.08 0.99 -6.78
N ASP A 1 -3.52 13.59 1.75
CA ASP A 1 -4.34 12.58 1.01
C ASP A 1 -4.52 11.50 2.04
N ASP A 2 -4.68 10.23 1.63
CA ASP A 2 -4.76 9.10 2.50
C ASP A 2 -4.03 8.18 1.58
N CYS A 3 -3.47 7.09 2.12
CA CYS A 3 -2.72 6.14 1.37
C CYS A 3 -2.49 5.18 2.50
N ILE A 4 -1.75 4.11 2.23
CA ILE A 4 -1.27 3.20 3.23
C ILE A 4 0.15 3.62 3.47
N LYS A 5 0.62 3.33 4.69
CA LYS A 5 1.84 3.80 5.29
C LYS A 5 2.98 3.05 4.67
N TYR A 7 5.92 0.65 4.54
CA TYR A 7 6.21 -0.49 5.38
C TYR A 7 5.12 -0.80 6.36
N GLY A 8 3.86 -0.49 5.97
CA GLY A 8 2.67 -1.01 6.62
C GLY A 8 2.13 -2.04 5.67
N PHE A 9 1.08 -2.77 6.08
CA PHE A 9 0.51 -3.86 5.30
C PHE A 9 -0.46 -3.26 4.33
N CYS A 10 -0.41 -3.66 3.04
CA CYS A 10 -1.31 -3.14 2.04
C CYS A 10 -2.12 -4.22 1.43
N SER A 11 -1.70 -5.50 1.59
CA SER A 11 -2.38 -6.63 1.05
C SER A 11 -3.63 -6.88 1.86
N LEU A 12 -3.46 -7.33 3.11
CA LEU A 12 -4.50 -7.61 4.03
C LEU A 12 -3.69 -7.56 5.29
N PRO A 13 -4.20 -7.46 6.51
CA PRO A 13 -5.60 -7.36 6.86
C PRO A 13 -6.16 -6.05 6.41
N ILE A 14 -7.49 -5.92 6.42
CA ILE A 14 -8.17 -4.71 6.03
C ILE A 14 -8.02 -3.71 7.17
N LEU A 15 -7.02 -2.82 7.01
CA LEU A 15 -6.94 -1.59 7.78
C LEU A 15 -7.23 -0.56 6.76
N LYS A 16 -6.47 -0.61 5.66
CA LYS A 16 -6.89 -0.14 4.39
C LYS A 16 -6.31 -1.28 3.63
N ASN A 17 -6.80 -1.47 2.40
CA ASN A 17 -6.23 -2.35 1.41
C ASN A 17 -6.03 -1.35 0.33
N GLY A 18 -4.96 -1.48 -0.48
CA GLY A 18 -4.82 -0.68 -1.68
C GLY A 18 -3.54 0.10 -1.66
N LEU A 19 -3.63 1.41 -2.03
CA LEU A 19 -2.53 2.24 -2.49
C LEU A 19 -1.60 2.65 -1.38
N CYS A 20 -0.30 2.41 -1.57
CA CYS A 20 0.75 2.83 -0.69
C CYS A 20 1.22 4.19 -1.13
N CYS A 21 1.67 5.05 -0.19
CA CYS A 21 2.18 6.36 -0.54
C CYS A 21 3.47 6.26 -1.31
N SER A 22 4.28 5.24 -1.02
CA SER A 22 5.51 4.99 -1.72
C SER A 22 5.26 4.06 -2.89
N GLY A 23 3.97 3.85 -3.26
CA GLY A 23 3.63 3.27 -4.53
C GLY A 23 3.47 1.79 -4.46
N ALA A 24 4.58 1.05 -4.23
CA ALA A 24 4.60 -0.37 -4.49
C ALA A 24 4.03 -1.10 -3.32
N CYS A 25 3.21 -2.13 -3.58
CA CYS A 25 2.62 -2.96 -2.56
C CYS A 25 3.16 -4.30 -2.95
N VAL A 26 3.79 -5.02 -2.01
CA VAL A 26 4.27 -6.36 -2.25
C VAL A 26 4.05 -7.00 -0.90
N GLY A 27 2.79 -6.91 -0.42
CA GLY A 27 2.38 -7.39 0.88
C GLY A 27 2.44 -6.22 1.79
N VAL A 28 3.68 -5.73 1.98
CA VAL A 28 3.94 -4.50 2.69
C VAL A 28 4.06 -3.47 1.62
N CYS A 29 3.92 -2.19 2.03
CA CYS A 29 4.14 -1.06 1.19
C CYS A 29 5.61 -0.86 1.13
N ALA A 30 6.16 -0.79 -0.09
CA ALA A 30 7.57 -0.61 -0.29
C ALA A 30 7.62 0.51 -1.27
N ASP A 31 8.70 0.56 -2.07
CA ASP A 31 8.87 1.47 -3.14
C ASP A 31 9.51 0.50 -4.09
N LEU A 32 9.69 0.88 -5.36
CA LEU A 32 10.38 0.13 -6.34
C LEU A 32 10.90 1.37 -7.07
N ASP A 1 -8.91 5.40 2.74
CA ASP A 1 -8.18 6.29 3.67
C ASP A 1 -7.57 7.30 2.74
N ASP A 2 -6.32 7.74 2.98
CA ASP A 2 -5.62 8.65 2.11
C ASP A 2 -4.77 7.78 1.24
N CYS A 3 -3.71 7.22 1.84
CA CYS A 3 -2.87 6.25 1.21
C CYS A 3 -2.52 5.43 2.40
N ILE A 4 -1.84 4.30 2.16
CA ILE A 4 -1.33 3.42 3.17
C ILE A 4 0.07 3.91 3.41
N LYS A 5 0.52 3.82 4.69
CA LYS A 5 1.76 4.37 5.17
C LYS A 5 2.82 3.32 4.91
N TYR A 7 5.80 0.59 4.86
CA TYR A 7 6.28 -0.43 5.78
C TYR A 7 5.13 -0.99 6.57
N GLY A 8 3.90 -0.52 6.30
CA GLY A 8 2.69 -1.15 6.76
C GLY A 8 2.35 -2.18 5.75
N PHE A 9 1.34 -3.02 6.05
CA PHE A 9 0.90 -4.05 5.14
C PHE A 9 -0.02 -3.39 4.17
N CYS A 10 -0.08 -3.85 2.90
CA CYS A 10 -0.92 -3.22 1.92
C CYS A 10 -2.17 -4.03 1.78
N SER A 11 -3.20 -3.66 2.57
CA SER A 11 -4.50 -4.26 2.52
C SER A 11 -5.24 -3.65 1.36
N LEU A 12 -6.33 -4.32 0.91
CA LEU A 12 -7.27 -3.83 -0.05
C LEU A 12 -8.51 -4.32 0.67
N PRO A 13 -9.76 -3.88 0.50
CA PRO A 13 -10.27 -3.06 -0.59
C PRO A 13 -9.68 -1.67 -0.64
N ILE A 14 -9.58 -1.12 -1.87
CA ILE A 14 -8.92 0.13 -2.18
C ILE A 14 -9.74 1.31 -1.66
N LEU A 15 -11.07 1.12 -1.51
CA LEU A 15 -11.97 2.17 -1.11
C LEU A 15 -11.81 2.44 0.36
N LYS A 16 -11.49 1.38 1.12
CA LYS A 16 -11.29 1.46 2.54
C LYS A 16 -9.89 1.92 2.78
N ASN A 17 -8.93 1.21 2.15
CA ASN A 17 -7.52 1.36 2.40
C ASN A 17 -7.02 2.42 1.44
N GLY A 18 -6.23 2.05 0.42
CA GLY A 18 -5.82 3.00 -0.55
C GLY A 18 -4.75 2.22 -1.19
N LEU A 19 -3.76 2.94 -1.75
CA LEU A 19 -2.56 2.40 -2.32
C LEU A 19 -1.52 2.90 -1.39
N CYS A 20 -0.24 2.52 -1.63
CA CYS A 20 0.83 2.87 -0.74
C CYS A 20 1.37 4.20 -1.21
N CYS A 21 1.75 5.10 -0.28
CA CYS A 21 2.29 6.40 -0.67
C CYS A 21 3.67 6.27 -1.27
N SER A 22 4.38 5.15 -0.99
CA SER A 22 5.62 4.83 -1.64
C SER A 22 5.38 4.06 -2.93
N GLY A 23 4.10 3.84 -3.31
CA GLY A 23 3.81 3.23 -4.58
C GLY A 23 3.44 1.79 -4.41
N ALA A 24 4.45 0.90 -4.19
CA ALA A 24 4.27 -0.50 -4.44
C ALA A 24 3.65 -1.21 -3.28
N CYS A 25 2.70 -2.12 -3.60
CA CYS A 25 2.11 -3.05 -2.68
C CYS A 25 2.82 -4.30 -3.04
N VAL A 26 3.54 -4.90 -2.07
CA VAL A 26 4.33 -6.09 -2.33
C VAL A 26 4.19 -6.86 -1.03
N GLY A 27 2.94 -6.98 -0.55
CA GLY A 27 2.63 -7.58 0.73
C GLY A 27 2.70 -6.48 1.75
N VAL A 28 3.91 -5.89 1.88
CA VAL A 28 4.09 -4.68 2.61
C VAL A 28 4.01 -3.56 1.60
N CYS A 29 3.87 -2.32 2.09
CA CYS A 29 3.97 -1.14 1.28
C CYS A 29 5.42 -0.83 1.19
N ALA A 30 5.97 -0.83 -0.05
CA ALA A 30 7.36 -0.58 -0.28
C ALA A 30 7.38 0.18 -1.56
N ASP A 31 8.38 -0.05 -2.42
CA ASP A 31 8.59 0.66 -3.64
C ASP A 31 9.07 -0.48 -4.48
N LEU A 32 9.19 -0.27 -5.79
CA LEU A 32 9.74 -1.19 -6.72
C LEU A 32 10.33 -0.11 -7.64
N ASP A 1 -7.56 7.81 -1.51
CA ASP A 1 -7.82 9.22 -1.04
C ASP A 1 -7.05 9.37 0.23
N ASP A 2 -7.11 8.34 1.11
CA ASP A 2 -6.05 8.04 2.04
C ASP A 2 -5.07 7.22 1.21
N CYS A 3 -4.04 6.59 1.81
CA CYS A 3 -3.10 5.78 1.09
C CYS A 3 -2.75 4.77 2.13
N ILE A 4 -1.71 3.95 1.88
CA ILE A 4 -1.23 3.00 2.83
C ILE A 4 0.17 3.45 3.13
N LYS A 5 0.64 3.06 4.35
CA LYS A 5 1.75 3.60 5.08
C LYS A 5 3.03 2.99 4.57
N TYR A 7 6.07 0.82 4.51
CA TYR A 7 6.40 -0.33 5.32
C TYR A 7 5.31 -0.68 6.28
N GLY A 8 4.06 -0.34 5.90
CA GLY A 8 2.87 -0.85 6.54
C GLY A 8 2.42 -2.00 5.69
N PHE A 9 1.38 -2.73 6.13
CA PHE A 9 0.81 -3.87 5.46
C PHE A 9 -0.22 -3.29 4.53
N CYS A 10 -0.40 -3.88 3.33
CA CYS A 10 -1.37 -3.38 2.39
C CYS A 10 -2.37 -4.46 2.11
N SER A 11 -3.67 -4.16 2.34
CA SER A 11 -4.78 -4.88 1.82
C SER A 11 -5.52 -3.64 1.40
N LEU A 12 -6.49 -3.72 0.46
CA LEU A 12 -7.21 -2.54 0.09
C LEU A 12 -8.47 -3.14 -0.42
N PRO A 13 -9.56 -2.38 -0.51
CA PRO A 13 -9.82 -1.17 0.27
C PRO A 13 -10.09 -1.56 1.70
N ILE A 14 -10.09 -0.57 2.60
CA ILE A 14 -10.37 -0.77 3.99
C ILE A 14 -10.98 0.53 4.39
N LEU A 15 -10.38 1.65 3.97
CA LEU A 15 -11.00 2.95 4.06
C LEU A 15 -11.09 3.34 2.62
N LYS A 16 -11.07 4.65 2.33
CA LYS A 16 -10.95 5.13 0.96
C LYS A 16 -9.47 5.32 0.73
N ASN A 17 -8.68 4.22 0.86
CA ASN A 17 -7.24 4.21 0.73
C ASN A 17 -6.89 4.10 -0.73
N GLY A 18 -6.13 3.09 -1.16
CA GLY A 18 -5.68 3.03 -2.51
C GLY A 18 -4.41 2.29 -2.29
N LEU A 19 -3.37 2.64 -3.08
CA LEU A 19 -2.08 2.02 -3.02
C LEU A 19 -1.28 2.70 -1.93
N CYS A 20 0.04 2.45 -1.90
CA CYS A 20 0.89 2.92 -0.84
C CYS A 20 1.41 4.26 -1.24
N CYS A 21 1.69 5.15 -0.25
CA CYS A 21 2.15 6.49 -0.54
C CYS A 21 3.57 6.47 -1.08
N SER A 22 4.35 5.40 -0.80
CA SER A 22 5.67 5.24 -1.35
C SER A 22 5.60 4.53 -2.68
N GLY A 23 4.42 4.00 -3.05
CA GLY A 23 4.20 3.46 -4.36
C GLY A 23 3.70 2.07 -4.22
N ALA A 24 4.65 1.10 -4.19
CA ALA A 24 4.31 -0.28 -4.45
C ALA A 24 3.75 -0.93 -3.23
N CYS A 25 2.96 -1.99 -3.46
CA CYS A 25 2.35 -2.81 -2.46
C CYS A 25 2.82 -4.14 -2.93
N VAL A 26 3.39 -4.95 -2.02
CA VAL A 26 3.88 -6.26 -2.32
C VAL A 26 3.69 -6.98 -1.01
N GLY A 27 2.47 -6.84 -0.43
CA GLY A 27 2.11 -7.44 0.84
C GLY A 27 2.31 -6.39 1.87
N VAL A 28 3.54 -5.89 1.97
CA VAL A 28 3.83 -4.68 2.69
C VAL A 28 3.98 -3.64 1.62
N CYS A 29 3.95 -2.37 2.03
CA CYS A 29 4.17 -1.25 1.16
C CYS A 29 5.62 -1.07 1.00
N ALA A 30 6.06 -0.84 -0.25
CA ALA A 30 7.45 -0.67 -0.57
C ALA A 30 7.50 0.59 -1.36
N ASP A 31 8.60 0.80 -2.08
CA ASP A 31 8.81 1.93 -2.93
C ASP A 31 8.75 1.37 -4.33
N LEU A 32 8.92 2.23 -5.35
CA LEU A 32 8.85 1.86 -6.71
C LEU A 32 9.59 3.08 -7.26
N ASP A 1 -4.37 4.49 5.83
CA ASP A 1 -4.45 5.85 6.41
C ASP A 1 -4.90 6.67 5.24
N ASP A 2 -4.19 7.76 4.88
CA ASP A 2 -4.48 8.58 3.72
C ASP A 2 -4.06 7.84 2.48
N CYS A 3 -3.10 6.92 2.63
CA CYS A 3 -2.64 6.03 1.61
C CYS A 3 -2.51 4.79 2.43
N ILE A 4 -1.85 3.73 1.91
CA ILE A 4 -1.37 2.68 2.76
C ILE A 4 0.03 3.15 3.10
N LYS A 5 0.45 2.95 4.37
CA LYS A 5 1.62 3.55 4.95
C LYS A 5 2.84 2.89 4.37
N TYR A 7 5.89 0.70 4.38
CA TYR A 7 6.26 -0.38 5.24
C TYR A 7 5.17 -0.72 6.23
N GLY A 8 3.91 -0.46 5.86
CA GLY A 8 2.75 -1.00 6.51
C GLY A 8 2.22 -2.01 5.55
N PHE A 9 1.27 -2.86 5.99
CA PHE A 9 0.69 -3.91 5.17
C PHE A 9 -0.46 -3.32 4.42
N CYS A 10 -0.73 -3.86 3.21
CA CYS A 10 -1.86 -3.47 2.42
C CYS A 10 -2.75 -4.66 2.35
N SER A 11 -4.07 -4.40 2.19
CA SER A 11 -5.07 -5.35 1.81
C SER A 11 -5.02 -5.41 0.30
N LEU A 12 -5.54 -6.49 -0.31
CA LEU A 12 -5.59 -6.72 -1.72
C LEU A 12 -6.75 -7.68 -1.73
N PRO A 13 -7.44 -8.04 -2.81
CA PRO A 13 -7.29 -7.56 -4.18
C PRO A 13 -7.75 -6.12 -4.30
N ILE A 14 -9.06 -5.89 -4.34
CA ILE A 14 -9.64 -4.60 -4.20
C ILE A 14 -10.63 -4.93 -3.13
N LEU A 15 -10.53 -4.25 -1.98
CA LEU A 15 -11.42 -4.43 -0.87
C LEU A 15 -11.61 -3.01 -0.41
N LYS A 16 -10.86 -2.61 0.63
CA LYS A 16 -10.57 -1.24 0.88
C LYS A 16 -9.10 -1.40 1.02
N ASN A 17 -8.34 -0.56 0.32
CA ASN A 17 -6.94 -0.66 0.10
C ASN A 17 -6.80 0.53 -0.80
N GLY A 18 -5.62 0.75 -1.38
CA GLY A 18 -5.37 1.89 -2.21
C GLY A 18 -3.94 1.61 -2.48
N LEU A 19 -3.23 2.57 -3.10
CA LEU A 19 -1.82 2.45 -3.35
C LEU A 19 -1.12 2.86 -2.08
N CYS A 20 0.21 2.67 -2.03
CA CYS A 20 0.99 3.13 -0.91
C CYS A 20 1.42 4.51 -1.24
N CYS A 21 1.86 5.31 -0.24
CA CYS A 21 2.33 6.67 -0.51
C CYS A 21 3.62 6.61 -1.29
N SER A 22 4.42 5.56 -1.05
CA SER A 22 5.66 5.30 -1.74
C SER A 22 5.38 4.45 -2.96
N GLY A 23 4.11 4.22 -3.31
CA GLY A 23 3.75 3.56 -4.54
C GLY A 23 3.42 2.13 -4.30
N ALA A 24 4.45 1.26 -4.21
CA ALA A 24 4.28 -0.15 -4.48
C ALA A 24 3.94 -0.86 -3.21
N CYS A 25 3.28 -2.04 -3.33
CA CYS A 25 2.97 -2.86 -2.19
C CYS A 25 3.32 -4.22 -2.68
N VAL A 26 3.87 -5.08 -1.80
CA VAL A 26 4.15 -6.45 -2.06
C VAL A 26 3.82 -7.07 -0.73
N GLY A 27 2.55 -6.91 -0.30
CA GLY A 27 2.09 -7.36 1.00
C GLY A 27 2.32 -6.24 1.96
N VAL A 28 3.59 -5.85 2.11
CA VAL A 28 3.98 -4.64 2.79
C VAL A 28 4.22 -3.63 1.72
N CYS A 29 3.99 -2.35 2.04
CA CYS A 29 4.25 -1.24 1.16
C CYS A 29 5.71 -1.01 1.05
N ALA A 30 6.17 -0.72 -0.18
CA ALA A 30 7.56 -0.51 -0.47
C ALA A 30 7.53 0.60 -1.47
N ASP A 31 8.46 0.57 -2.43
CA ASP A 31 8.60 1.55 -3.45
C ASP A 31 8.95 0.66 -4.59
N LEU A 32 9.06 1.23 -5.80
CA LEU A 32 9.30 0.48 -7.00
C LEU A 32 10.83 0.27 -7.10
N ASP A 1 -7.41 7.55 -1.87
CA ASP A 1 -7.98 8.78 -1.25
C ASP A 1 -7.14 8.97 -0.03
N ASP A 2 -7.09 7.92 0.83
CA ASP A 2 -6.01 7.74 1.76
C ASP A 2 -5.01 6.92 0.99
N CYS A 3 -4.02 6.32 1.68
CA CYS A 3 -3.02 5.49 1.08
C CYS A 3 -2.71 4.61 2.23
N ILE A 4 -1.72 3.72 2.05
CA ILE A 4 -1.17 2.91 3.10
C ILE A 4 0.20 3.50 3.33
N LYS A 5 0.71 3.33 4.58
CA LYS A 5 1.91 3.90 5.12
C LYS A 5 3.07 3.08 4.59
N TYR A 7 6.04 0.64 4.56
CA TYR A 7 6.42 -0.43 5.45
C TYR A 7 5.29 -0.83 6.37
N GLY A 8 4.04 -0.46 6.02
CA GLY A 8 2.85 -0.98 6.65
C GLY A 8 2.32 -2.02 5.70
N PHE A 9 1.30 -2.80 6.12
CA PHE A 9 0.74 -3.87 5.34
C PHE A 9 -0.33 -3.26 4.47
N CYS A 10 -0.34 -3.58 3.16
CA CYS A 10 -1.23 -2.96 2.20
C CYS A 10 -2.31 -3.94 1.86
N SER A 11 -3.39 -3.47 1.23
CA SER A 11 -4.57 -4.27 1.13
C SER A 11 -5.42 -3.63 0.07
N LEU A 12 -6.68 -3.32 0.42
CA LEU A 12 -7.77 -3.07 -0.46
C LEU A 12 -8.61 -2.22 0.46
N PRO A 13 -9.69 -1.57 0.06
CA PRO A 13 -10.07 -1.25 -1.31
C PRO A 13 -9.06 -0.31 -1.91
N ILE A 14 -8.63 -0.58 -3.17
CA ILE A 14 -7.69 0.27 -3.86
C ILE A 14 -8.43 1.52 -4.26
N LEU A 15 -7.68 2.63 -4.46
CA LEU A 15 -8.18 3.94 -4.85
C LEU A 15 -8.75 4.65 -3.67
N LYS A 16 -9.40 3.92 -2.75
CA LYS A 16 -9.83 4.41 -1.46
C LYS A 16 -8.59 4.47 -0.61
N ASN A 17 -7.98 3.30 -0.38
CA ASN A 17 -6.71 3.17 0.29
C ASN A 17 -6.02 2.20 -0.63
N GLY A 18 -5.44 1.10 -0.09
CA GLY A 18 -4.96 -0.01 -0.86
C GLY A 18 -3.57 0.25 -1.33
N LEU A 19 -3.41 1.34 -2.10
CA LEU A 19 -2.15 1.71 -2.69
C LEU A 19 -1.35 2.43 -1.65
N CYS A 20 -0.02 2.29 -1.75
CA CYS A 20 0.90 2.80 -0.78
C CYS A 20 1.29 4.18 -1.20
N CYS A 21 1.66 5.05 -0.24
CA CYS A 21 2.08 6.40 -0.57
C CYS A 21 3.44 6.37 -1.22
N SER A 22 4.27 5.34 -0.94
CA SER A 22 5.53 5.12 -1.62
C SER A 22 5.32 4.24 -2.83
N GLY A 23 4.06 4.00 -3.25
CA GLY A 23 3.79 3.40 -4.52
C GLY A 23 3.66 1.91 -4.42
N ALA A 24 4.77 1.21 -4.08
CA ALA A 24 4.85 -0.22 -4.28
C ALA A 24 4.18 -0.89 -3.13
N CYS A 25 3.32 -1.90 -3.42
CA CYS A 25 2.55 -2.64 -2.48
C CYS A 25 2.91 -4.02 -2.94
N VAL A 26 3.40 -4.88 -2.02
CA VAL A 26 3.75 -6.23 -2.32
C VAL A 26 3.53 -6.92 -0.99
N GLY A 27 2.30 -6.79 -0.46
CA GLY A 27 1.95 -7.31 0.84
C GLY A 27 2.21 -6.21 1.81
N VAL A 28 3.50 -5.83 1.95
CA VAL A 28 3.86 -4.63 2.67
C VAL A 28 3.99 -3.56 1.62
N CYS A 29 3.96 -2.30 2.07
CA CYS A 29 4.31 -1.16 1.25
C CYS A 29 5.78 -1.02 1.27
N ALA A 30 6.37 -0.69 0.11
CA ALA A 30 7.78 -0.44 0.02
C ALA A 30 7.85 0.63 -1.00
N ASP A 31 8.99 0.71 -1.71
CA ASP A 31 9.20 1.62 -2.79
C ASP A 31 9.51 0.69 -3.93
N LEU A 32 9.63 1.23 -5.15
CA LEU A 32 9.76 0.45 -6.36
C LEU A 32 11.25 0.10 -6.53
N ASP A 1 -10.50 8.82 1.41
CA ASP A 1 -9.38 8.04 0.79
C ASP A 1 -8.22 8.28 1.69
N ASP A 2 -7.15 7.46 1.55
CA ASP A 2 -5.97 7.52 2.34
C ASP A 2 -5.07 6.83 1.38
N CYS A 3 -3.78 6.66 1.72
CA CYS A 3 -2.87 5.82 1.00
C CYS A 3 -2.31 5.09 2.16
N ILE A 4 -1.70 3.91 1.91
CA ILE A 4 -1.25 3.01 2.94
C ILE A 4 0.20 3.33 3.18
N LYS A 5 0.62 3.18 4.46
CA LYS A 5 1.84 3.63 5.08
C LYS A 5 3.03 2.92 4.48
N TYR A 7 5.99 0.61 4.40
CA TYR A 7 6.38 -0.47 5.28
C TYR A 7 5.31 -0.78 6.29
N GLY A 8 4.05 -0.39 5.99
CA GLY A 8 2.88 -0.91 6.65
C GLY A 8 2.37 -1.98 5.74
N PHE A 9 1.37 -2.75 6.18
CA PHE A 9 0.82 -3.83 5.38
C PHE A 9 -0.25 -3.23 4.51
N CYS A 10 -0.34 -3.72 3.27
CA CYS A 10 -1.41 -3.42 2.37
C CYS A 10 -2.14 -4.73 2.30
N SER A 11 -2.17 -5.38 1.13
CA SER A 11 -2.82 -6.65 0.95
C SER A 11 -2.24 -6.99 -0.38
N LEU A 12 -2.83 -7.96 -1.11
CA LEU A 12 -2.43 -8.36 -2.41
C LEU A 12 -3.77 -8.80 -2.91
N PRO A 13 -4.03 -9.05 -4.19
CA PRO A 13 -3.17 -8.80 -5.34
C PRO A 13 -3.02 -7.31 -5.54
N ILE A 14 -1.89 -6.85 -6.11
CA ILE A 14 -1.64 -5.44 -6.28
C ILE A 14 -1.99 -5.13 -7.70
N LEU A 15 -3.18 -4.54 -7.90
CA LEU A 15 -3.55 -3.90 -9.13
C LEU A 15 -3.93 -2.54 -8.64
N LYS A 16 -5.13 -2.43 -8.08
CA LYS A 16 -5.44 -1.43 -7.10
C LYS A 16 -6.09 -2.37 -6.15
N ASN A 17 -5.93 -2.10 -4.85
CA ASN A 17 -6.46 -2.93 -3.80
C ASN A 17 -6.43 -1.96 -2.66
N GLY A 18 -5.27 -1.34 -2.48
CA GLY A 18 -5.09 -0.14 -1.72
C GLY A 18 -4.09 0.53 -2.60
N LEU A 19 -3.51 1.66 -2.16
CA LEU A 19 -2.48 2.33 -2.88
C LEU A 19 -1.57 2.67 -1.76
N CYS A 20 -0.27 2.40 -1.89
CA CYS A 20 0.70 2.73 -0.88
C CYS A 20 1.22 4.10 -1.20
N CYS A 21 1.62 4.86 -0.17
CA CYS A 21 1.99 6.24 -0.35
C CYS A 21 3.31 6.35 -1.10
N SER A 22 4.22 5.37 -0.87
CA SER A 22 5.50 5.30 -1.54
C SER A 22 5.40 4.48 -2.80
N GLY A 23 4.17 4.15 -3.26
CA GLY A 23 3.96 3.59 -4.56
C GLY A 23 3.79 2.12 -4.49
N ALA A 24 4.83 1.37 -4.05
CA ALA A 24 4.83 -0.07 -4.24
C ALA A 24 4.11 -0.72 -3.11
N CYS A 25 3.46 -1.87 -3.38
CA CYS A 25 2.73 -2.65 -2.43
C CYS A 25 3.17 -3.99 -2.89
N VAL A 26 3.46 -4.91 -1.97
CA VAL A 26 3.76 -6.29 -2.24
C VAL A 26 3.51 -6.96 -0.91
N GLY A 27 2.26 -6.83 -0.40
CA GLY A 27 1.88 -7.36 0.90
C GLY A 27 2.15 -6.30 1.91
N VAL A 28 3.42 -5.86 1.98
CA VAL A 28 3.81 -4.67 2.69
C VAL A 28 3.91 -3.60 1.65
N CYS A 29 3.85 -2.33 2.07
CA CYS A 29 4.10 -1.21 1.19
C CYS A 29 5.58 -1.04 1.13
N ALA A 30 6.12 -0.68 -0.04
CA ALA A 30 7.53 -0.53 -0.21
C ALA A 30 7.68 0.66 -1.09
N ASP A 31 8.73 0.71 -1.90
CA ASP A 31 9.01 1.79 -2.80
C ASP A 31 9.59 0.99 -3.92
N LEU A 32 9.69 1.58 -5.12
CA LEU A 32 10.12 0.88 -6.31
C LEU A 32 11.66 0.90 -6.35
N ASP A 1 -8.77 4.52 2.02
CA ASP A 1 -8.45 5.61 2.97
C ASP A 1 -7.71 6.55 2.08
N ASP A 2 -6.59 7.14 2.54
CA ASP A 2 -5.81 8.05 1.71
C ASP A 2 -4.85 7.18 0.98
N CYS A 3 -3.78 6.77 1.67
CA CYS A 3 -2.80 5.87 1.14
C CYS A 3 -2.53 5.01 2.31
N ILE A 4 -1.77 3.93 2.07
CA ILE A 4 -1.37 2.96 3.04
C ILE A 4 0.05 3.38 3.34
N LYS A 5 0.50 3.09 4.59
CA LYS A 5 1.66 3.65 5.22
C LYS A 5 2.89 2.95 4.69
N TYR A 7 5.99 0.76 4.69
CA TYR A 7 6.39 -0.32 5.56
C TYR A 7 5.29 -0.78 6.47
N GLY A 8 4.02 -0.46 6.13
CA GLY A 8 2.86 -1.05 6.73
C GLY A 8 2.39 -2.09 5.78
N PHE A 9 1.45 -2.97 6.20
CA PHE A 9 0.90 -4.02 5.38
C PHE A 9 -0.08 -3.37 4.45
N CYS A 10 -0.35 -3.96 3.26
CA CYS A 10 -1.28 -3.37 2.33
C CYS A 10 -2.12 -4.48 1.81
N SER A 11 -3.19 -4.13 1.08
CA SER A 11 -4.30 -4.98 0.76
C SER A 11 -4.95 -4.11 -0.26
N LEU A 12 -6.03 -4.60 -0.91
CA LEU A 12 -6.73 -3.92 -1.97
C LEU A 12 -8.11 -4.39 -1.61
N PRO A 13 -9.26 -3.85 -2.03
CA PRO A 13 -9.45 -2.94 -3.15
C PRO A 13 -8.75 -1.61 -3.03
N ILE A 14 -8.29 -1.09 -4.18
CA ILE A 14 -7.49 0.10 -4.29
C ILE A 14 -8.37 1.29 -3.96
N LEU A 15 -7.77 2.36 -3.38
CA LEU A 15 -8.39 3.62 -2.99
C LEU A 15 -9.20 3.47 -1.73
N LYS A 16 -10.06 2.42 -1.69
CA LYS A 16 -10.88 2.05 -0.58
C LYS A 16 -9.98 1.65 0.56
N ASN A 17 -8.95 0.84 0.25
CA ASN A 17 -7.85 0.60 1.15
C ASN A 17 -6.96 1.78 1.00
N GLY A 18 -6.30 1.88 -0.15
CA GLY A 18 -5.54 3.04 -0.48
C GLY A 18 -4.74 2.48 -1.59
N LEU A 19 -3.48 2.90 -1.70
CA LEU A 19 -2.44 2.27 -2.43
C LEU A 19 -1.33 2.79 -1.57
N CYS A 20 -0.06 2.48 -1.83
CA CYS A 20 0.98 2.86 -0.92
C CYS A 20 1.45 4.22 -1.33
N CYS A 21 1.81 5.08 -0.35
CA CYS A 21 2.24 6.44 -0.64
C CYS A 21 3.60 6.40 -1.31
N SER A 22 4.42 5.39 -1.00
CA SER A 22 5.69 5.16 -1.60
C SER A 22 5.53 4.33 -2.85
N GLY A 23 4.29 4.05 -3.29
CA GLY A 23 4.02 3.49 -4.58
C GLY A 23 3.66 2.05 -4.47
N ALA A 24 4.67 1.18 -4.28
CA ALA A 24 4.52 -0.23 -4.56
C ALA A 24 3.96 -0.93 -3.36
N CYS A 25 3.05 -1.88 -3.61
CA CYS A 25 2.39 -2.67 -2.61
C CYS A 25 2.78 -4.05 -3.04
N VAL A 26 3.42 -4.80 -2.13
CA VAL A 26 3.60 -6.23 -2.21
C VAL A 26 2.79 -6.61 -1.00
N GLY A 27 3.25 -7.45 -0.04
CA GLY A 27 2.43 -7.71 1.14
C GLY A 27 2.49 -6.56 2.10
N VAL A 28 3.37 -5.59 1.78
CA VAL A 28 3.65 -4.45 2.58
C VAL A 28 3.82 -3.41 1.55
N CYS A 29 3.82 -2.15 2.00
CA CYS A 29 4.11 -1.01 1.19
C CYS A 29 5.59 -0.83 1.18
N ALA A 30 6.17 -0.71 -0.02
CA ALA A 30 7.56 -0.48 -0.18
C ALA A 30 7.64 0.61 -1.19
N ASP A 31 8.76 0.69 -1.91
CA ASP A 31 9.00 1.64 -2.96
C ASP A 31 9.35 0.75 -4.11
N LEU A 32 9.96 1.31 -5.17
CA LEU A 32 10.49 0.56 -6.26
C LEU A 32 11.80 1.35 -6.31
N ASP A 1 -7.68 11.17 -1.68
CA ASP A 1 -7.15 9.78 -1.68
C ASP A 1 -6.79 9.50 -0.26
N ASP A 2 -6.34 8.27 0.03
CA ASP A 2 -5.80 7.89 1.30
C ASP A 2 -4.84 6.89 0.73
N CYS A 3 -3.80 6.48 1.48
CA CYS A 3 -2.85 5.56 0.95
C CYS A 3 -2.35 4.91 2.19
N ILE A 4 -1.68 3.76 2.01
CA ILE A 4 -1.15 2.95 3.07
C ILE A 4 0.28 3.40 3.28
N LYS A 5 0.75 3.31 4.55
CA LYS A 5 2.00 3.84 5.05
C LYS A 5 3.14 2.99 4.55
N TYR A 7 5.94 0.44 4.57
CA TYR A 7 6.27 -0.62 5.50
C TYR A 7 5.17 -0.89 6.49
N GLY A 8 3.93 -0.51 6.14
CA GLY A 8 2.73 -1.02 6.75
C GLY A 8 2.24 -2.05 5.77
N PHE A 9 1.28 -2.92 6.18
CA PHE A 9 0.74 -3.94 5.29
C PHE A 9 -0.34 -3.29 4.49
N CYS A 10 -0.42 -3.64 3.19
CA CYS A 10 -1.40 -3.09 2.29
C CYS A 10 -2.38 -4.19 2.04
N SER A 11 -3.43 -3.90 1.27
CA SER A 11 -4.51 -4.81 1.07
C SER A 11 -4.93 -4.36 -0.29
N LEU A 12 -5.79 -5.15 -0.95
CA LEU A 12 -6.40 -4.89 -2.20
C LEU A 12 -7.73 -5.52 -1.87
N PRO A 13 -8.88 -5.24 -2.47
CA PRO A 13 -9.08 -4.37 -3.61
C PRO A 13 -8.81 -2.95 -3.25
N ILE A 14 -8.64 -2.09 -4.28
CA ILE A 14 -8.38 -0.70 -4.14
C ILE A 14 -9.73 -0.07 -4.00
N LEU A 15 -9.96 0.60 -2.86
CA LEU A 15 -11.17 1.34 -2.61
C LEU A 15 -10.69 2.62 -1.99
N LYS A 16 -10.33 2.56 -0.69
CA LYS A 16 -9.88 3.69 0.07
C LYS A 16 -8.69 3.17 0.79
N ASN A 17 -7.82 2.49 0.02
CA ASN A 17 -6.78 1.65 0.51
C ASN A 17 -6.29 1.19 -0.83
N GLY A 18 -5.21 0.41 -0.89
CA GLY A 18 -4.75 -0.20 -2.13
C GLY A 18 -3.47 0.45 -2.51
N LEU A 19 -3.48 1.80 -2.54
CA LEU A 19 -2.34 2.59 -2.92
C LEU A 19 -1.45 2.67 -1.72
N CYS A 20 -0.15 2.39 -1.89
CA CYS A 20 0.83 2.68 -0.89
C CYS A 20 1.31 4.05 -1.20
N CYS A 21 1.69 4.83 -0.17
CA CYS A 21 2.06 6.22 -0.38
C CYS A 21 3.36 6.32 -1.14
N SER A 22 4.26 5.34 -0.97
CA SER A 22 5.50 5.23 -1.70
C SER A 22 5.33 4.43 -2.97
N GLY A 23 4.08 4.09 -3.35
CA GLY A 23 3.80 3.49 -4.63
C GLY A 23 3.59 2.02 -4.49
N ALA A 24 4.66 1.26 -4.20
CA ALA A 24 4.64 -0.18 -4.36
C ALA A 24 3.99 -0.83 -3.16
N CYS A 25 3.11 -1.82 -3.44
CA CYS A 25 2.41 -2.62 -2.47
C CYS A 25 2.92 -3.96 -2.87
N VAL A 26 3.51 -4.71 -1.92
CA VAL A 26 4.11 -5.99 -2.18
C VAL A 26 3.80 -6.77 -0.91
N GLY A 27 2.54 -6.65 -0.43
CA GLY A 27 2.12 -7.24 0.82
C GLY A 27 2.30 -6.19 1.85
N VAL A 28 3.56 -5.78 2.06
CA VAL A 28 3.88 -4.58 2.77
C VAL A 28 3.95 -3.50 1.72
N CYS A 29 3.89 -2.23 2.13
CA CYS A 29 4.18 -1.14 1.24
C CYS A 29 5.65 -0.95 1.22
N ALA A 30 6.23 -0.60 0.06
CA ALA A 30 7.64 -0.38 -0.06
C ALA A 30 7.73 0.60 -1.18
N ASP A 31 8.85 0.58 -1.91
CA ASP A 31 9.01 1.33 -3.12
C ASP A 31 9.82 0.31 -3.84
N LEU A 32 9.82 0.34 -5.17
CA LEU A 32 10.58 -0.52 -6.03
C LEU A 32 10.58 0.46 -7.20
N ASP A 1 -7.84 3.53 3.43
CA ASP A 1 -8.48 4.64 2.68
C ASP A 1 -7.38 5.63 2.52
N ASP A 2 -7.43 6.46 1.45
CA ASP A 2 -6.41 7.42 1.08
C ASP A 2 -5.21 6.65 0.58
N CYS A 3 -4.13 6.52 1.39
CA CYS A 3 -3.01 5.72 1.02
C CYS A 3 -2.69 4.93 2.24
N ILE A 4 -1.83 3.93 2.07
CA ILE A 4 -1.36 3.04 3.09
C ILE A 4 0.07 3.45 3.27
N LYS A 5 0.61 3.16 4.47
CA LYS A 5 1.75 3.78 5.06
C LYS A 5 3.00 3.03 4.64
N TYR A 7 6.05 0.74 4.55
CA TYR A 7 6.44 -0.37 5.39
C TYR A 7 5.39 -0.74 6.40
N GLY A 8 4.12 -0.42 6.07
CA GLY A 8 2.97 -0.98 6.70
C GLY A 8 2.49 -2.05 5.76
N PHE A 9 1.52 -2.87 6.21
CA PHE A 9 0.95 -3.95 5.42
C PHE A 9 0.01 -3.34 4.44
N CYS A 10 -0.17 -3.94 3.25
CA CYS A 10 -1.16 -3.49 2.31
C CYS A 10 -1.56 -4.77 1.69
N SER A 11 -2.46 -4.73 0.70
CA SER A 11 -2.95 -5.91 0.10
C SER A 11 -3.62 -5.32 -1.09
N LEU A 12 -4.16 -6.20 -1.94
CA LEU A 12 -5.17 -5.97 -2.93
C LEU A 12 -5.89 -7.28 -2.66
N PRO A 13 -7.15 -7.51 -2.96
CA PRO A 13 -8.13 -6.55 -3.42
C PRO A 13 -8.48 -5.57 -2.33
N ILE A 14 -9.26 -4.54 -2.69
CA ILE A 14 -9.55 -3.40 -1.89
C ILE A 14 -10.60 -3.76 -0.85
N LEU A 15 -10.26 -3.58 0.44
CA LEU A 15 -11.16 -3.73 1.55
C LEU A 15 -11.36 -2.33 2.03
N LYS A 16 -10.27 -1.71 2.51
CA LYS A 16 -10.32 -0.38 3.05
C LYS A 16 -8.94 0.13 2.81
N ASN A 17 -8.43 -0.18 1.60
CA ASN A 17 -7.04 -0.08 1.23
C ASN A 17 -6.82 1.28 0.67
N GLY A 18 -5.95 1.44 -0.33
CA GLY A 18 -5.68 2.69 -0.94
C GLY A 18 -4.48 2.28 -1.70
N LEU A 19 -3.69 3.24 -2.21
CA LEU A 19 -2.40 2.93 -2.79
C LEU A 19 -1.45 2.95 -1.63
N CYS A 20 -0.18 2.59 -1.85
CA CYS A 20 0.84 2.85 -0.87
C CYS A 20 1.36 4.20 -1.26
N CYS A 21 1.66 5.09 -0.29
CA CYS A 21 2.08 6.44 -0.61
C CYS A 21 3.48 6.43 -1.19
N SER A 22 4.26 5.39 -0.89
CA SER A 22 5.60 5.24 -1.39
C SER A 22 5.58 4.48 -2.69
N GLY A 23 4.39 4.00 -3.13
CA GLY A 23 4.21 3.46 -4.45
C GLY A 23 3.94 1.99 -4.38
N ALA A 24 4.96 1.19 -4.03
CA ALA A 24 4.89 -0.24 -4.26
C ALA A 24 4.06 -0.89 -3.20
N CYS A 25 3.21 -1.87 -3.59
CA CYS A 25 2.40 -2.61 -2.67
C CYS A 25 2.71 -4.02 -3.11
N VAL A 26 3.10 -4.86 -2.15
CA VAL A 26 3.13 -6.30 -2.25
C VAL A 26 2.38 -6.58 -0.97
N GLY A 27 2.80 -7.49 -0.06
CA GLY A 27 2.10 -7.67 1.20
C GLY A 27 2.36 -6.53 2.14
N VAL A 28 3.26 -5.63 1.75
CA VAL A 28 3.72 -4.52 2.54
C VAL A 28 3.88 -3.46 1.51
N CYS A 29 3.89 -2.20 1.97
CA CYS A 29 4.15 -1.04 1.16
C CYS A 29 5.62 -0.84 1.15
N ALA A 30 6.21 -0.60 -0.04
CA ALA A 30 7.62 -0.31 -0.13
C ALA A 30 7.73 0.87 -1.04
N ASP A 31 8.93 1.12 -1.58
CA ASP A 31 9.25 2.28 -2.36
C ASP A 31 9.87 1.76 -3.62
N LEU A 32 10.08 2.67 -4.58
CA LEU A 32 10.58 2.46 -5.90
C LEU A 32 11.14 3.87 -6.08
N ASP A 1 -6.86 12.71 0.73
CA ASP A 1 -6.55 11.31 0.32
C ASP A 1 -5.93 10.68 1.52
N ASP A 2 -5.54 9.41 1.42
CA ASP A 2 -4.89 8.63 2.43
C ASP A 2 -4.21 7.69 1.49
N CYS A 3 -3.48 6.69 2.01
CA CYS A 3 -2.78 5.72 1.24
C CYS A 3 -2.60 4.71 2.32
N ILE A 4 -1.88 3.61 2.05
CA ILE A 4 -1.39 2.77 3.10
C ILE A 4 0.04 3.24 3.29
N LYS A 5 0.52 3.12 4.54
CA LYS A 5 1.69 3.74 5.09
C LYS A 5 2.90 3.01 4.58
N TYR A 7 5.96 0.78 4.67
CA TYR A 7 6.34 -0.30 5.56
C TYR A 7 5.21 -0.70 6.47
N GLY A 8 3.96 -0.37 6.08
CA GLY A 8 2.78 -0.90 6.69
C GLY A 8 2.31 -1.99 5.77
N PHE A 9 1.45 -2.91 6.25
CA PHE A 9 0.96 -4.01 5.46
C PHE A 9 -0.13 -3.51 4.58
N CYS A 10 -0.21 -4.00 3.32
CA CYS A 10 -1.24 -3.59 2.40
C CYS A 10 -1.65 -4.87 1.76
N SER A 11 -2.54 -4.78 0.75
CA SER A 11 -3.02 -5.91 0.01
C SER A 11 -3.46 -5.16 -1.20
N LEU A 12 -3.74 -5.87 -2.31
CA LEU A 12 -3.99 -5.31 -3.61
C LEU A 12 -4.50 -6.55 -4.31
N PRO A 13 -5.02 -6.60 -5.54
CA PRO A 13 -5.23 -5.51 -6.47
C PRO A 13 -6.24 -4.58 -5.88
N ILE A 14 -7.47 -5.10 -5.68
CA ILE A 14 -8.63 -4.47 -5.09
C ILE A 14 -8.83 -3.04 -5.58
N LEU A 15 -8.68 -2.01 -4.69
CA LEU A 15 -8.89 -0.64 -5.05
C LEU A 15 -7.72 0.10 -4.46
N LYS A 16 -7.92 1.36 -4.01
CA LYS A 16 -6.88 2.24 -3.54
C LYS A 16 -6.36 1.88 -2.18
N ASN A 17 -6.75 0.69 -1.65
CA ASN A 17 -6.09 0.06 -0.53
C ASN A 17 -4.75 -0.44 -1.00
N GLY A 18 -4.61 -0.74 -2.31
CA GLY A 18 -3.36 -1.16 -2.89
C GLY A 18 -2.62 0.02 -3.42
N LEU A 19 -2.82 1.21 -2.81
CA LEU A 19 -2.14 2.42 -3.15
C LEU A 19 -1.35 2.78 -1.92
N CYS A 20 -0.03 2.52 -1.99
CA CYS A 20 0.90 2.93 -0.97
C CYS A 20 1.40 4.27 -1.34
N CYS A 21 1.76 5.12 -0.36
CA CYS A 21 2.28 6.46 -0.66
C CYS A 21 3.63 6.36 -1.34
N SER A 22 4.42 5.31 -1.02
CA SER A 22 5.68 5.03 -1.62
C SER A 22 5.51 4.13 -2.84
N GLY A 23 4.24 3.91 -3.27
CA GLY A 23 3.98 3.31 -4.54
C GLY A 23 3.80 1.83 -4.44
N ALA A 24 4.91 1.09 -4.20
CA ALA A 24 4.94 -0.33 -4.45
C ALA A 24 4.33 -1.11 -3.32
N CYS A 25 3.04 -1.49 -3.48
CA CYS A 25 2.32 -2.38 -2.61
C CYS A 25 2.65 -3.78 -3.05
N VAL A 26 3.26 -4.57 -2.16
CA VAL A 26 3.34 -6.01 -2.27
C VAL A 26 2.54 -6.38 -1.04
N GLY A 27 2.96 -7.30 -0.14
CA GLY A 27 2.21 -7.56 1.08
C GLY A 27 2.46 -6.49 2.11
N VAL A 28 3.30 -5.51 1.76
CA VAL A 28 3.65 -4.40 2.57
C VAL A 28 3.79 -3.35 1.53
N CYS A 29 3.81 -2.09 1.97
CA CYS A 29 4.15 -0.96 1.16
C CYS A 29 5.62 -0.79 1.23
N ALA A 30 6.31 -0.82 0.09
CA ALA A 30 7.71 -0.55 0.01
C ALA A 30 7.81 0.46 -1.08
N ASP A 31 8.93 0.47 -1.80
CA ASP A 31 9.14 1.22 -2.99
C ASP A 31 10.12 0.28 -3.60
N LEU A 32 10.25 0.28 -4.92
CA LEU A 32 11.21 -0.45 -5.67
C LEU A 32 10.94 0.23 -7.00
N ASP A 1 -4.20 13.65 0.59
CA ASP A 1 -4.61 12.32 0.05
C ASP A 1 -4.63 11.46 1.26
N ASP A 2 -4.55 10.13 1.10
CA ASP A 2 -4.47 9.18 2.17
C ASP A 2 -3.82 8.11 1.37
N CYS A 3 -3.27 7.06 2.00
CA CYS A 3 -2.59 6.02 1.30
C CYS A 3 -2.47 5.04 2.40
N ILE A 4 -1.89 3.86 2.10
CA ILE A 4 -1.43 2.93 3.09
C ILE A 4 0.02 3.31 3.24
N LYS A 5 0.53 3.18 4.48
CA LYS A 5 1.70 3.85 4.96
C LYS A 5 2.90 3.02 4.60
N TYR A 7 5.87 0.63 4.69
CA TYR A 7 6.30 -0.40 5.60
C TYR A 7 5.18 -0.84 6.51
N GLY A 8 3.93 -0.41 6.20
CA GLY A 8 2.73 -0.97 6.78
C GLY A 8 2.28 -2.03 5.83
N PHE A 9 1.30 -2.86 6.25
CA PHE A 9 0.81 -3.96 5.45
C PHE A 9 -0.24 -3.43 4.51
N CYS A 10 -0.32 -4.01 3.30
CA CYS A 10 -1.33 -3.73 2.33
C CYS A 10 -1.73 -5.09 1.86
N SER A 11 -2.33 -5.20 0.66
CA SER A 11 -2.78 -6.43 0.09
C SER A 11 -3.14 -5.91 -1.27
N LEU A 12 -3.69 -6.77 -2.15
CA LEU A 12 -4.13 -6.40 -3.46
C LEU A 12 -5.06 -7.55 -3.74
N PRO A 13 -5.96 -7.60 -4.72
CA PRO A 13 -6.24 -6.60 -5.73
C PRO A 13 -6.76 -5.32 -5.14
N ILE A 14 -7.95 -5.37 -4.53
CA ILE A 14 -8.47 -4.32 -3.70
C ILE A 14 -8.93 -5.19 -2.58
N LEU A 15 -8.58 -4.80 -1.35
CA LEU A 15 -8.90 -5.46 -0.12
C LEU A 15 -8.51 -4.32 0.76
N LYS A 16 -7.28 -4.33 1.30
CA LYS A 16 -6.65 -3.16 1.84
C LYS A 16 -5.61 -2.83 0.80
N ASN A 17 -5.91 -1.89 -0.11
CA ASN A 17 -4.99 -1.49 -1.14
C ASN A 17 -5.56 -0.12 -1.37
N GLY A 18 -4.97 0.66 -2.28
CA GLY A 18 -5.49 1.93 -2.63
C GLY A 18 -4.34 2.56 -3.31
N LEU A 19 -3.45 3.16 -2.50
CA LEU A 19 -2.16 3.58 -2.95
C LEU A 19 -1.41 3.15 -1.75
N CYS A 20 -0.16 2.71 -1.94
CA CYS A 20 0.85 2.83 -0.92
C CYS A 20 1.45 4.15 -1.25
N CYS A 21 1.86 4.98 -0.26
CA CYS A 21 2.34 6.32 -0.56
C CYS A 21 3.62 6.27 -1.34
N SER A 22 4.45 5.25 -1.07
CA SER A 22 5.71 5.02 -1.72
C SER A 22 5.51 4.17 -2.95
N GLY A 23 4.25 3.99 -3.40
CA GLY A 23 3.95 3.44 -4.69
C GLY A 23 3.58 2.02 -4.55
N ALA A 24 4.57 1.14 -4.28
CA ALA A 24 4.39 -0.28 -4.49
C ALA A 24 3.78 -0.91 -3.28
N CYS A 25 2.86 -1.87 -3.52
CA CYS A 25 2.33 -2.73 -2.52
C CYS A 25 2.97 -4.00 -2.94
N VAL A 26 3.56 -4.74 -1.99
CA VAL A 26 4.17 -6.02 -2.22
C VAL A 26 3.84 -6.81 -0.98
N GLY A 27 2.61 -6.60 -0.45
CA GLY A 27 2.17 -7.24 0.78
C GLY A 27 2.40 -6.27 1.89
N VAL A 28 3.62 -5.70 1.95
CA VAL A 28 3.87 -4.50 2.71
C VAL A 28 3.88 -3.43 1.68
N CYS A 29 3.71 -2.17 2.10
CA CYS A 29 3.90 -1.03 1.24
C CYS A 29 5.38 -0.79 1.20
N ALA A 30 5.96 -0.74 -0.01
CA ALA A 30 7.39 -0.64 -0.16
C ALA A 30 7.61 0.41 -1.19
N ASP A 31 8.79 0.40 -1.81
CA ASP A 31 9.20 1.31 -2.83
C ASP A 31 10.01 0.33 -3.60
N LEU A 32 10.20 0.58 -4.90
CA LEU A 32 10.99 -0.22 -5.79
C LEU A 32 10.92 0.74 -6.97
N ASP A 1 -3.97 5.78 5.84
CA ASP A 1 -4.34 7.23 5.83
C ASP A 1 -5.23 7.25 4.64
N ASP A 2 -5.03 8.22 3.71
CA ASP A 2 -5.59 8.14 2.37
C ASP A 2 -4.85 7.04 1.64
N CYS A 3 -3.51 7.08 1.73
CA CYS A 3 -2.67 6.04 1.21
C CYS A 3 -2.33 5.11 2.35
N ILE A 4 -1.73 3.95 2.02
CA ILE A 4 -1.29 2.98 2.99
C ILE A 4 0.18 3.30 3.22
N LYS A 5 0.62 3.11 4.49
CA LYS A 5 1.82 3.64 5.07
C LYS A 5 3.04 2.96 4.47
N TYR A 7 5.97 0.71 4.62
CA TYR A 7 6.23 -0.37 5.55
C TYR A 7 5.06 -0.60 6.47
N GLY A 8 3.84 -0.26 5.99
CA GLY A 8 2.62 -0.80 6.52
C GLY A 8 2.31 -1.99 5.67
N PHE A 9 1.32 -2.81 6.08
CA PHE A 9 0.86 -3.94 5.31
C PHE A 9 -0.23 -3.41 4.42
N CYS A 10 -0.41 -4.03 3.24
CA CYS A 10 -1.37 -3.59 2.27
C CYS A 10 -1.86 -4.86 1.67
N SER A 11 -3.14 -4.92 1.28
CA SER A 11 -3.77 -6.10 0.78
C SER A 11 -5.08 -5.47 0.40
N LEU A 12 -6.11 -6.28 0.06
CA LEU A 12 -7.47 -5.85 0.18
C LEU A 12 -7.97 -7.08 0.88
N PRO A 13 -8.81 -7.03 1.90
CA PRO A 13 -9.02 -5.91 2.80
C PRO A 13 -7.75 -5.52 3.54
N ILE A 14 -7.79 -4.35 4.19
CA ILE A 14 -6.74 -3.77 4.98
C ILE A 14 -7.63 -2.74 5.63
N LEU A 15 -7.15 -1.99 6.63
CA LEU A 15 -7.98 -1.19 7.51
C LEU A 15 -8.60 -0.01 6.79
N LYS A 16 -7.87 0.56 5.82
CA LYS A 16 -8.44 1.47 4.87
C LYS A 16 -7.60 1.05 3.70
N ASN A 17 -8.22 0.96 2.50
CA ASN A 17 -7.59 0.50 1.30
C ASN A 17 -7.31 1.74 0.51
N GLY A 18 -6.30 1.69 -0.37
CA GLY A 18 -5.84 2.81 -1.13
C GLY A 18 -4.61 2.17 -1.68
N LEU A 19 -3.73 2.96 -2.33
CA LEU A 19 -2.47 2.52 -2.85
C LEU A 19 -1.50 2.88 -1.76
N CYS A 20 -0.22 2.45 -1.88
CA CYS A 20 0.77 2.74 -0.87
C CYS A 20 1.31 4.10 -1.17
N CYS A 21 1.75 4.86 -0.13
CA CYS A 21 2.16 6.24 -0.33
C CYS A 21 3.41 6.31 -1.16
N SER A 22 4.35 5.36 -0.94
CA SER A 22 5.55 5.22 -1.71
C SER A 22 5.33 4.29 -2.88
N GLY A 23 4.05 4.05 -3.27
CA GLY A 23 3.73 3.45 -4.53
C GLY A 23 3.56 1.98 -4.39
N ALA A 24 4.67 1.23 -4.17
CA ALA A 24 4.62 -0.20 -4.35
C ALA A 24 3.99 -0.85 -3.16
N CYS A 25 3.17 -1.89 -3.41
CA CYS A 25 2.53 -2.70 -2.41
C CYS A 25 3.03 -4.02 -2.86
N VAL A 26 3.49 -4.88 -1.94
CA VAL A 26 3.85 -6.24 -2.24
C VAL A 26 3.54 -6.96 -0.95
N GLY A 27 2.36 -6.70 -0.37
CA GLY A 27 1.96 -7.28 0.90
C GLY A 27 2.33 -6.30 1.97
N VAL A 28 3.58 -5.79 1.94
CA VAL A 28 3.98 -4.63 2.68
C VAL A 28 4.08 -3.56 1.64
N CYS A 29 3.98 -2.29 2.03
CA CYS A 29 4.22 -1.18 1.15
C CYS A 29 5.69 -0.92 1.16
N ALA A 30 6.28 -0.62 -0.01
CA ALA A 30 7.67 -0.30 -0.11
C ALA A 30 7.72 0.72 -1.20
N ASP A 31 8.75 0.67 -2.05
CA ASP A 31 8.86 1.49 -3.20
C ASP A 31 9.48 0.49 -4.11
N LEU A 32 9.61 0.82 -5.39
CA LEU A 32 10.40 0.11 -6.34
C LEU A 32 10.82 1.36 -7.11
N ASP A 1 -3.71 6.68 5.81
CA ASP A 1 -5.10 7.14 5.48
C ASP A 1 -4.88 7.92 4.23
N ASP A 2 -5.82 7.86 3.26
CA ASP A 2 -5.65 8.28 1.88
C ASP A 2 -4.84 7.22 1.19
N CYS A 3 -3.56 7.10 1.58
CA CYS A 3 -2.69 6.05 1.15
C CYS A 3 -2.40 5.18 2.34
N ILE A 4 -1.79 4.01 2.07
CA ILE A 4 -1.41 3.01 3.02
C ILE A 4 0.06 3.31 3.28
N LYS A 5 0.53 3.07 4.52
CA LYS A 5 1.74 3.60 5.09
C LYS A 5 2.94 2.87 4.54
N TYR A 7 5.99 0.66 4.74
CA TYR A 7 6.35 -0.34 5.71
C TYR A 7 5.18 -0.67 6.61
N GLY A 8 3.94 -0.43 6.13
CA GLY A 8 2.73 -0.92 6.72
C GLY A 8 2.30 -2.01 5.78
N PHE A 9 1.33 -2.85 6.21
CA PHE A 9 0.82 -3.95 5.42
C PHE A 9 -0.08 -3.37 4.38
N CYS A 10 -0.22 -4.05 3.22
CA CYS A 10 -1.23 -3.68 2.27
C CYS A 10 -1.49 -5.00 1.64
N SER A 11 -2.54 -5.05 0.81
CA SER A 11 -2.93 -6.17 0.04
C SER A 11 -3.91 -5.45 -0.84
N LEU A 12 -4.53 -6.17 -1.78
CA LEU A 12 -5.79 -5.80 -2.36
C LEU A 12 -6.35 -7.18 -2.29
N PRO A 13 -7.61 -7.43 -1.94
CA PRO A 13 -8.50 -6.55 -1.21
C PRO A 13 -7.96 -6.27 0.17
N ILE A 14 -8.49 -5.23 0.82
CA ILE A 14 -8.32 -4.91 2.20
C ILE A 14 -9.50 -3.99 2.27
N LEU A 15 -10.05 -3.72 3.49
CA LEU A 15 -11.38 -3.19 3.66
C LEU A 15 -11.41 -1.72 3.36
N LYS A 16 -10.31 -1.02 3.64
CA LYS A 16 -10.11 0.33 3.20
C LYS A 16 -8.83 0.11 2.47
N ASN A 17 -8.74 0.59 1.22
CA ASN A 17 -7.67 0.32 0.32
C ASN A 17 -7.33 1.69 -0.17
N GLY A 18 -6.23 1.85 -0.90
CA GLY A 18 -5.75 3.11 -1.38
C GLY A 18 -4.50 2.61 -1.99
N LEU A 19 -3.61 3.51 -2.45
CA LEU A 19 -2.31 3.14 -2.93
C LEU A 19 -1.43 3.06 -1.71
N CYS A 20 -0.16 2.67 -1.90
CA CYS A 20 0.84 2.83 -0.89
C CYS A 20 1.40 4.18 -1.18
N CYS A 21 1.83 4.95 -0.14
CA CYS A 21 2.24 6.33 -0.36
C CYS A 21 3.48 6.36 -1.22
N SER A 22 4.37 5.37 -0.99
CA SER A 22 5.59 5.17 -1.72
C SER A 22 5.38 4.26 -2.91
N GLY A 23 4.11 4.04 -3.32
CA GLY A 23 3.79 3.44 -4.58
C GLY A 23 3.60 1.97 -4.45
N ALA A 24 4.69 1.23 -4.21
CA ALA A 24 4.73 -0.19 -4.51
C ALA A 24 4.16 -1.00 -3.37
N CYS A 25 3.06 -1.72 -3.64
CA CYS A 25 2.41 -2.59 -2.70
C CYS A 25 2.83 -3.97 -3.11
N VAL A 26 3.37 -4.75 -2.15
CA VAL A 26 3.46 -6.18 -2.20
C VAL A 26 2.71 -6.49 -0.93
N GLY A 27 3.11 -7.43 -0.04
CA GLY A 27 2.36 -7.67 1.19
C GLY A 27 2.55 -6.56 2.20
N VAL A 28 3.43 -5.60 1.87
CA VAL A 28 3.72 -4.45 2.66
C VAL A 28 3.87 -3.42 1.60
N CYS A 29 3.82 -2.15 1.99
CA CYS A 29 4.10 -1.04 1.13
C CYS A 29 5.59 -0.81 1.17
N ALA A 30 6.22 -0.79 -0.03
CA ALA A 30 7.62 -0.52 -0.17
C ALA A 30 7.69 0.53 -1.25
N ASP A 31 8.75 0.49 -2.08
CA ASP A 31 8.99 1.42 -3.13
C ASP A 31 9.79 0.57 -4.04
N LEU A 32 10.35 1.18 -5.11
CA LEU A 32 11.43 0.63 -5.87
C LEU A 32 12.24 1.93 -5.88
N ASP A 1 -7.69 8.10 0.94
CA ASP A 1 -8.16 8.54 2.29
C ASP A 1 -6.93 9.24 2.72
N ASP A 2 -6.05 8.51 3.44
CA ASP A 2 -4.62 8.74 3.37
C ASP A 2 -4.22 7.74 2.30
N CYS A 3 -2.97 7.26 2.33
CA CYS A 3 -2.51 6.19 1.50
C CYS A 3 -2.44 5.04 2.45
N ILE A 4 -1.88 3.90 2.00
CA ILE A 4 -1.46 2.85 2.90
C ILE A 4 -0.02 3.24 3.21
N LYS A 5 0.37 3.07 4.50
CA LYS A 5 1.54 3.68 5.07
C LYS A 5 2.74 2.93 4.60
N TYR A 7 5.85 0.71 4.71
CA TYR A 7 6.27 -0.31 5.63
C TYR A 7 5.14 -0.74 6.53
N GLY A 8 3.89 -0.38 6.16
CA GLY A 8 2.69 -0.92 6.72
C GLY A 8 2.28 -2.02 5.78
N PHE A 9 1.28 -2.84 6.17
CA PHE A 9 0.83 -3.96 5.37
C PHE A 9 -0.23 -3.40 4.45
N CYS A 10 -0.30 -3.89 3.19
CA CYS A 10 -1.36 -3.51 2.29
C CYS A 10 -2.24 -4.71 2.14
N SER A 11 -1.95 -5.56 1.14
CA SER A 11 -2.86 -6.57 0.72
C SER A 11 -1.99 -7.35 -0.22
N LEU A 12 -2.57 -8.37 -0.88
CA LEU A 12 -1.97 -9.11 -1.94
C LEU A 12 -3.19 -9.04 -2.83
N PRO A 13 -3.16 -9.16 -4.15
CA PRO A 13 -1.97 -9.25 -5.00
C PRO A 13 -1.12 -8.04 -4.92
N ILE A 14 0.11 -8.18 -5.45
CA ILE A 14 1.15 -7.20 -5.42
C ILE A 14 1.00 -6.35 -6.65
N LEU A 15 1.81 -5.27 -6.69
CA LEU A 15 2.04 -4.30 -7.74
C LEU A 15 1.47 -3.03 -7.19
N LYS A 16 0.35 -2.56 -7.77
CA LYS A 16 -0.39 -1.45 -7.26
C LYS A 16 -1.68 -2.16 -7.10
N ASN A 17 -2.31 -2.02 -5.92
CA ASN A 17 -3.48 -2.79 -5.57
C ASN A 17 -3.80 -2.12 -4.27
N GLY A 18 -2.82 -2.20 -3.34
CA GLY A 18 -2.77 -1.27 -2.24
C GLY A 18 -2.19 -0.04 -2.86
N LEU A 19 -2.68 1.14 -2.42
CA LEU A 19 -2.19 2.40 -2.90
C LEU A 19 -1.35 2.88 -1.76
N CYS A 20 -0.04 2.60 -1.87
CA CYS A 20 0.93 2.98 -0.87
C CYS A 20 1.43 4.34 -1.24
N CYS A 21 1.91 5.16 -0.28
CA CYS A 21 2.43 6.49 -0.60
C CYS A 21 3.72 6.36 -1.39
N SER A 22 4.50 5.30 -1.11
CA SER A 22 5.71 4.97 -1.81
C SER A 22 5.40 4.07 -2.98
N GLY A 23 4.10 3.97 -3.37
CA GLY A 23 3.70 3.36 -4.60
C GLY A 23 3.43 1.91 -4.41
N ALA A 24 4.50 1.10 -4.25
CA ALA A 24 4.43 -0.31 -4.50
C ALA A 24 3.87 -1.06 -3.33
N CYS A 25 2.90 -1.95 -3.61
CA CYS A 25 2.31 -2.84 -2.64
C CYS A 25 2.91 -4.16 -2.99
N VAL A 26 3.60 -4.79 -2.01
CA VAL A 26 4.33 -6.01 -2.23
C VAL A 26 4.07 -6.81 -0.96
N GLY A 27 2.81 -6.80 -0.50
CA GLY A 27 2.41 -7.40 0.75
C GLY A 27 2.47 -6.31 1.76
N VAL A 28 3.70 -5.81 2.03
CA VAL A 28 3.89 -4.57 2.72
C VAL A 28 3.92 -3.50 1.68
N CYS A 29 3.80 -2.23 2.10
CA CYS A 29 4.01 -1.10 1.24
C CYS A 29 5.48 -0.83 1.24
N ALA A 30 6.07 -0.75 0.04
CA ALA A 30 7.49 -0.54 -0.11
C ALA A 30 7.58 0.37 -1.30
N ASP A 31 8.65 0.23 -2.09
CA ASP A 31 8.83 0.93 -3.32
C ASP A 31 9.42 -0.20 -4.09
N LEU A 32 9.44 -0.09 -5.42
CA LEU A 32 10.04 -1.04 -6.31
C LEU A 32 10.42 -0.01 -7.37
N ASP A 1 -8.67 3.11 3.34
CA ASP A 1 -7.53 3.79 4.01
C ASP A 1 -7.56 5.12 3.32
N ASP A 2 -6.39 5.72 3.07
CA ASP A 2 -6.28 6.96 2.32
C ASP A 2 -5.30 6.56 1.25
N CYS A 3 -4.03 6.48 1.65
CA CYS A 3 -3.00 5.73 1.00
C CYS A 3 -2.59 4.91 2.17
N ILE A 4 -1.68 3.93 1.97
CA ILE A 4 -1.20 3.07 3.00
C ILE A 4 0.22 3.50 3.26
N LYS A 5 0.68 3.22 4.50
CA LYS A 5 1.91 3.66 5.11
C LYS A 5 3.06 2.93 4.46
N TYR A 7 5.97 0.52 4.40
CA TYR A 7 6.23 -0.58 5.29
C TYR A 7 5.13 -0.83 6.27
N GLY A 8 3.88 -0.47 5.90
CA GLY A 8 2.70 -0.97 6.57
C GLY A 8 2.20 -2.07 5.68
N PHE A 9 1.27 -2.90 6.19
CA PHE A 9 0.66 -3.97 5.42
C PHE A 9 -0.34 -3.34 4.51
N CYS A 10 -0.47 -3.84 3.27
CA CYS A 10 -1.38 -3.28 2.31
C CYS A 10 -2.30 -4.39 1.90
N SER A 11 -3.40 -4.03 1.21
CA SER A 11 -4.51 -4.90 1.03
C SER A 11 -5.06 -4.45 -0.28
N LEU A 12 -5.84 -5.32 -0.95
CA LEU A 12 -6.50 -5.14 -2.20
C LEU A 12 -7.74 -5.94 -1.86
N PRO A 13 -8.91 -5.85 -2.48
CA PRO A 13 -9.28 -4.96 -3.57
C PRO A 13 -9.23 -3.53 -3.13
N ILE A 14 -9.14 -2.59 -4.08
CA ILE A 14 -9.00 -1.18 -3.78
C ILE A 14 -10.37 -0.58 -3.63
N LEU A 15 -10.54 0.29 -2.61
CA LEU A 15 -11.56 1.29 -2.57
C LEU A 15 -10.76 2.56 -2.55
N LYS A 16 -10.05 2.79 -1.44
CA LYS A 16 -9.03 3.79 -1.31
C LYS A 16 -8.09 3.05 -0.44
N ASN A 17 -7.19 2.26 -1.06
CA ASN A 17 -6.28 1.40 -0.37
C ASN A 17 -5.63 0.81 -1.59
N GLY A 18 -4.78 -0.21 -1.42
CA GLY A 18 -3.91 -0.72 -2.46
C GLY A 18 -2.71 0.15 -2.53
N LEU A 19 -2.96 1.42 -2.86
CA LEU A 19 -1.97 2.43 -3.17
C LEU A 19 -1.21 2.80 -1.92
N CYS A 20 0.10 2.55 -1.93
CA CYS A 20 0.96 2.95 -0.84
C CYS A 20 1.44 4.32 -1.21
N CYS A 21 1.81 5.18 -0.25
CA CYS A 21 2.21 6.54 -0.58
C CYS A 21 3.60 6.57 -1.15
N SER A 22 4.39 5.50 -0.93
CA SER A 22 5.68 5.31 -1.52
C SER A 22 5.56 4.58 -2.83
N GLY A 23 4.32 4.13 -3.17
CA GLY A 23 4.04 3.56 -4.46
C GLY A 23 3.50 2.18 -4.28
N ALA A 24 4.40 1.18 -4.21
CA ALA A 24 4.03 -0.19 -4.48
C ALA A 24 3.67 -0.92 -3.22
N CYS A 25 2.84 -1.97 -3.40
CA CYS A 25 2.35 -2.83 -2.37
C CYS A 25 2.93 -4.14 -2.81
N VAL A 26 3.59 -4.87 -1.89
CA VAL A 26 4.13 -6.18 -2.15
C VAL A 26 3.87 -6.90 -0.84
N GLY A 27 2.62 -6.73 -0.31
CA GLY A 27 2.20 -7.32 0.93
C GLY A 27 2.44 -6.32 2.01
N VAL A 28 3.72 -5.90 2.14
CA VAL A 28 4.08 -4.70 2.83
C VAL A 28 4.08 -3.65 1.75
N CYS A 29 3.95 -2.37 2.12
CA CYS A 29 4.14 -1.29 1.21
C CYS A 29 5.60 -1.05 1.08
N ALA A 30 6.06 -0.77 -0.15
CA ALA A 30 7.45 -0.51 -0.39
C ALA A 30 7.45 0.68 -1.30
N ASP A 31 8.55 0.87 -2.03
CA ASP A 31 8.72 1.84 -3.07
C ASP A 31 9.32 0.94 -4.08
N LEU A 32 9.37 1.40 -5.33
CA LEU A 32 10.08 0.77 -6.40
C LEU A 32 10.29 2.07 -7.19
N ASP A 1 -2.59 14.33 3.53
CA ASP A 1 -3.26 13.31 2.66
C ASP A 1 -3.17 12.06 3.51
N ASP A 2 -3.30 10.87 2.91
CA ASP A 2 -3.15 9.64 3.61
C ASP A 2 -2.97 8.75 2.44
N CYS A 3 -2.80 7.45 2.70
CA CYS A 3 -2.41 6.44 1.77
C CYS A 3 -2.32 5.33 2.75
N ILE A 4 -1.86 4.14 2.34
CA ILE A 4 -1.39 3.16 3.26
C ILE A 4 0.04 3.55 3.54
N LYS A 5 0.45 3.40 4.82
CA LYS A 5 1.71 3.88 5.35
C LYS A 5 2.80 3.04 4.73
N TYR A 7 5.78 0.55 4.37
CA TYR A 7 6.12 -0.59 5.18
C TYR A 7 5.06 -0.89 6.20
N GLY A 8 3.79 -0.59 5.86
CA GLY A 8 2.62 -1.08 6.56
C GLY A 8 1.99 -1.97 5.54
N PHE A 9 0.94 -2.74 5.92
CA PHE A 9 0.39 -3.81 5.10
C PHE A 9 -0.59 -3.28 4.09
N CYS A 10 -0.45 -3.77 2.84
CA CYS A 10 -1.32 -3.45 1.72
C CYS A 10 -1.82 -4.76 1.17
N SER A 11 -1.57 -5.86 1.90
CA SER A 11 -1.95 -7.21 1.56
C SER A 11 -3.43 -7.39 1.77
N LEU A 12 -4.01 -6.49 2.58
CA LEU A 12 -5.41 -6.29 2.75
C LEU A 12 -5.33 -4.80 2.76
N PRO A 13 -6.29 -3.98 2.34
CA PRO A 13 -7.49 -4.34 1.59
C PRO A 13 -7.10 -4.86 0.24
N ILE A 14 -7.91 -5.76 -0.34
CA ILE A 14 -7.75 -6.20 -1.68
C ILE A 14 -9.18 -6.10 -2.11
N LEU A 15 -9.40 -5.57 -3.32
CA LEU A 15 -10.69 -5.25 -3.90
C LEU A 15 -10.23 -4.94 -5.28
N LYS A 16 -9.42 -3.86 -5.30
CA LYS A 16 -8.50 -3.48 -6.31
C LYS A 16 -7.32 -3.60 -5.41
N ASN A 17 -6.78 -2.50 -4.89
CA ASN A 17 -5.84 -2.54 -3.80
C ASN A 17 -6.03 -1.16 -3.25
N GLY A 18 -5.44 -0.84 -2.08
CA GLY A 18 -5.45 0.51 -1.53
C GLY A 18 -4.02 0.95 -1.64
N LEU A 19 -3.79 2.24 -1.96
CA LEU A 19 -2.52 2.69 -2.45
C LEU A 19 -1.64 3.18 -1.34
N CYS A 20 -0.35 2.85 -1.49
CA CYS A 20 0.72 3.19 -0.61
C CYS A 20 1.26 4.50 -1.08
N CYS A 21 1.84 5.33 -0.18
CA CYS A 21 2.37 6.63 -0.57
C CYS A 21 3.60 6.45 -1.42
N SER A 22 4.36 5.37 -1.17
CA SER A 22 5.55 5.03 -1.88
C SER A 22 5.23 4.23 -3.14
N GLY A 23 3.95 3.86 -3.34
CA GLY A 23 3.51 3.27 -4.58
C GLY A 23 3.21 1.81 -4.46
N ALA A 24 4.27 0.97 -4.37
CA ALA A 24 4.17 -0.42 -4.71
C ALA A 24 3.88 -1.25 -3.51
N CYS A 25 3.22 -2.41 -3.72
CA CYS A 25 2.81 -3.30 -2.67
C CYS A 25 3.59 -4.56 -2.85
N VAL A 26 4.18 -5.10 -1.76
CA VAL A 26 4.84 -6.37 -1.76
C VAL A 26 4.33 -7.07 -0.51
N GLY A 27 3.05 -6.82 -0.18
CA GLY A 27 2.39 -7.38 0.98
C GLY A 27 2.42 -6.31 2.02
N VAL A 28 3.63 -5.73 2.19
CA VAL A 28 3.90 -4.52 2.91
C VAL A 28 4.12 -3.53 1.80
N CYS A 29 3.87 -2.24 2.09
CA CYS A 29 4.00 -1.17 1.13
C CYS A 29 5.46 -0.83 0.96
N ALA A 30 5.95 -0.65 -0.28
CA ALA A 30 7.33 -0.34 -0.51
C ALA A 30 7.35 0.51 -1.74
N ASP A 31 8.40 0.42 -2.57
CA ASP A 31 8.52 1.14 -3.81
C ASP A 31 9.30 0.10 -4.54
N LEU A 32 9.23 0.11 -5.88
CA LEU A 32 10.01 -0.72 -6.75
C LEU A 32 9.92 0.24 -7.95
N ASP A 1 -9.35 7.23 -0.08
CA ASP A 1 -9.04 8.68 -0.25
C ASP A 1 -7.97 8.99 0.75
N ASP A 2 -6.88 8.18 0.75
CA ASP A 2 -5.89 8.13 1.77
C ASP A 2 -4.87 7.35 1.00
N CYS A 3 -3.84 6.78 1.65
CA CYS A 3 -2.88 5.94 1.01
C CYS A 3 -2.60 4.96 2.11
N ILE A 4 -1.82 3.91 1.81
CA ILE A 4 -1.38 2.95 2.78
C ILE A 4 0.05 3.35 3.10
N LYS A 5 0.49 3.03 4.34
CA LYS A 5 1.61 3.66 5.01
C LYS A 5 2.91 3.04 4.56
N TYR A 7 5.99 0.89 4.51
CA TYR A 7 6.26 -0.31 5.28
C TYR A 7 5.21 -0.58 6.31
N GLY A 8 3.95 -0.21 5.99
CA GLY A 8 2.78 -0.77 6.61
C GLY A 8 2.43 -1.94 5.74
N PHE A 9 1.48 -2.78 6.19
CA PHE A 9 1.04 -3.93 5.46
C PHE A 9 0.05 -3.41 4.47
N CYS A 10 -0.06 -4.04 3.29
CA CYS A 10 -1.04 -3.62 2.34
C CYS A 10 -1.43 -4.88 1.66
N SER A 11 -2.49 -4.76 0.85
CA SER A 11 -3.11 -5.72 0.00
C SER A 11 -4.15 -4.77 -0.51
N LEU A 12 -5.04 -5.20 -1.43
CA LEU A 12 -5.95 -4.32 -2.09
C LEU A 12 -7.08 -5.26 -2.33
N PRO A 13 -8.29 -4.86 -2.68
CA PRO A 13 -8.79 -3.49 -2.71
C PRO A 13 -8.98 -2.99 -1.31
N ILE A 14 -9.72 -3.79 -0.53
CA ILE A 14 -10.17 -3.54 0.81
C ILE A 14 -11.37 -2.64 0.69
N LEU A 15 -11.17 -1.31 0.73
CA LEU A 15 -12.18 -0.32 0.53
C LEU A 15 -11.30 0.66 -0.19
N LYS A 16 -11.86 1.78 -0.69
CA LYS A 16 -11.13 2.68 -1.55
C LYS A 16 -10.18 3.55 -0.76
N ASN A 17 -9.07 2.94 -0.30
CA ASN A 17 -8.01 3.58 0.44
C ASN A 17 -7.19 4.34 -0.55
N GLY A 18 -6.20 3.68 -1.16
CA GLY A 18 -5.42 4.24 -2.20
C GLY A 18 -4.40 3.17 -2.30
N LEU A 19 -3.25 3.46 -2.94
CA LEU A 19 -2.14 2.55 -3.06
C LEU A 19 -1.27 2.87 -1.88
N CYS A 20 0.03 2.59 -1.95
CA CYS A 20 0.91 2.94 -0.86
C CYS A 20 1.40 4.31 -1.15
N CYS A 21 1.77 5.07 -0.09
CA CYS A 21 2.29 6.41 -0.28
C CYS A 21 3.68 6.33 -0.86
N SER A 22 4.38 5.18 -0.68
CA SER A 22 5.67 4.93 -1.27
C SER A 22 5.54 4.33 -2.65
N GLY A 23 4.29 4.10 -3.11
CA GLY A 23 4.00 3.62 -4.43
C GLY A 23 3.65 2.17 -4.38
N ALA A 24 4.69 1.31 -4.29
CA ALA A 24 4.58 -0.10 -4.55
C ALA A 24 3.98 -0.80 -3.36
N CYS A 25 3.25 -1.90 -3.62
CA CYS A 25 2.51 -2.61 -2.64
C CYS A 25 2.78 -4.00 -3.08
N VAL A 26 2.81 -4.94 -2.12
CA VAL A 26 2.94 -6.36 -2.24
C VAL A 26 2.36 -6.61 -0.87
N GLY A 27 2.80 -7.56 -0.03
CA GLY A 27 2.20 -7.73 1.29
C GLY A 27 2.59 -6.63 2.24
N VAL A 28 3.52 -5.76 1.81
CA VAL A 28 4.03 -4.66 2.57
C VAL A 28 4.02 -3.58 1.54
N CYS A 29 3.90 -2.31 1.99
CA CYS A 29 4.15 -1.16 1.16
C CYS A 29 5.63 -1.01 1.05
N ALA A 30 6.13 -0.82 -0.17
CA ALA A 30 7.54 -0.80 -0.42
C ALA A 30 7.77 0.33 -1.35
N ASP A 31 9.02 0.48 -1.81
CA ASP A 31 9.44 1.41 -2.79
C ASP A 31 10.63 0.65 -3.25
N LEU A 32 11.28 1.12 -4.33
CA LEU A 32 12.54 0.67 -4.79
C LEU A 32 13.01 2.08 -5.16
#